data_4Q9A
#
_entry.id   4Q9A
#
_cell.length_a   128.829
_cell.length_b   128.829
_cell.length_c   149.650
_cell.angle_alpha   90.000
_cell.angle_beta   90.000
_cell.angle_gamma   90.000
#
_symmetry.space_group_name_H-M   'I 4 2 2'
#
_entity_poly.entity_id   1
_entity_poly.type   'polypeptide(L)'
_entity_poly.pdbx_seq_one_letter_code
;GAVKENTSVHAPKINLKKDCVILFQGD(SEP)ITDCGRDRNSNRCNT(MSE)EQFGSGYVLFTATQLLEGKAALQPKIYN
RGISGNKVYQLRERWEIDCLAFQPDVLSILIGVNDYWHTLTHGYKGTVETYENDLRALLKYTKEKLPNTQIVLCEPFTLR
DGAAIEDSKWYP(MSE)FDEFRKSARKLSEEFNTIFVPFQSGFDAAVKLAPARYWSNDGVHPDLPGRQL(MSE)AN
(MSE)W(MSE)EATGLK
;
_entity_poly.pdbx_strand_id   A,B
#
# COMPACT_ATOMS: atom_id res chain seq x y z
N ALA A 11 13.82 -20.21 -13.84
CA ALA A 11 14.10 -18.86 -13.34
C ALA A 11 14.17 -18.81 -11.77
N PRO A 12 15.36 -18.54 -11.13
CA PRO A 12 15.43 -18.56 -9.65
C PRO A 12 14.49 -17.53 -8.98
N LYS A 13 13.78 -18.04 -7.95
CA LYS A 13 12.74 -17.38 -7.18
C LYS A 13 12.99 -17.50 -5.69
N ILE A 14 12.35 -16.63 -4.91
CA ILE A 14 12.44 -16.68 -3.46
C ILE A 14 11.43 -17.74 -2.99
N ASN A 15 11.86 -18.65 -2.08
CA ASN A 15 11.01 -19.71 -1.56
C ASN A 15 10.64 -19.37 -0.10
N LEU A 16 9.34 -19.30 0.21
CA LEU A 16 8.87 -18.96 1.55
C LEU A 16 8.28 -20.16 2.25
N LYS A 17 8.50 -20.25 3.56
CA LYS A 17 7.94 -21.30 4.41
C LYS A 17 6.90 -20.70 5.35
N LYS A 18 6.19 -21.55 6.13
CA LYS A 18 5.24 -21.04 7.13
C LYS A 18 6.04 -20.26 8.18
N ASP A 19 5.47 -19.14 8.66
CA ASP A 19 6.05 -18.27 9.67
C ASP A 19 7.48 -17.79 9.28
N CYS A 20 7.74 -17.60 7.97
CA CYS A 20 9.02 -17.12 7.46
C CYS A 20 9.26 -15.66 7.88
N VAL A 21 10.52 -15.32 8.18
CA VAL A 21 10.87 -13.95 8.58
C VAL A 21 11.42 -13.19 7.36
N ILE A 22 10.81 -12.04 7.04
CA ILE A 22 11.27 -11.19 5.93
C ILE A 22 11.74 -9.86 6.53
N LEU A 23 12.98 -9.46 6.21
CA LEU A 23 13.58 -8.26 6.75
C LEU A 23 14.06 -7.34 5.65
N PHE A 24 13.60 -6.10 5.71
CA PHE A 24 13.97 -5.01 4.81
C PHE A 24 15.01 -4.17 5.50
N GLN A 25 16.12 -3.98 4.81
CA GLN A 25 17.24 -3.23 5.32
C GLN A 25 17.68 -2.21 4.25
N GLY A 26 18.14 -1.04 4.72
CA GLY A 26 18.56 0.06 3.87
C GLY A 26 18.71 1.43 4.51
N ASP A 27 18.35 2.46 3.76
CA ASP A 27 18.54 3.87 4.10
C ASP A 27 17.21 4.68 4.22
N SEP A 28 17.29 5.99 3.85
CA SEP A 28 16.21 6.96 3.88
CB SEP A 28 16.87 8.33 3.39
OG SEP A 28 18.38 8.59 3.54
C SEP A 28 14.98 6.37 3.14
O SEP A 28 13.86 6.55 3.62
P SEP A 28 19.05 10.07 3.18
O1P SEP A 28 19.54 10.07 1.75
O2P SEP A 28 18.01 11.21 3.20
O3P SEP A 28 20.16 10.76 3.99
N ILE A 29 15.19 5.60 2.04
CA ILE A 29 14.12 5.00 1.22
C ILE A 29 13.44 3.79 1.91
N THR A 30 14.24 3.00 2.64
CA THR A 30 13.75 1.80 3.30
C THR A 30 13.09 2.19 4.66
N ASP A 31 13.72 3.08 5.46
CA ASP A 31 13.23 3.60 6.76
C ASP A 31 11.84 4.24 6.60
N CYS A 32 11.78 5.37 5.86
CA CYS A 32 10.59 6.18 5.56
C CYS A 32 9.69 6.34 6.78
N GLY A 33 10.26 6.95 7.79
CA GLY A 33 9.57 7.29 9.03
C GLY A 33 8.90 6.17 9.80
N ARG A 34 9.56 4.99 9.88
CA ARG A 34 9.07 3.86 10.66
C ARG A 34 9.36 4.14 12.14
N ASP A 35 8.56 3.56 13.02
CA ASP A 35 8.77 3.67 14.47
C ASP A 35 9.89 2.68 14.86
N ARG A 36 11.09 3.22 15.09
CA ARG A 36 12.28 2.45 15.42
C ARG A 36 12.09 1.70 16.75
N ASN A 37 11.10 2.12 17.55
CA ASN A 37 10.74 1.48 18.81
C ASN A 37 9.71 0.33 18.63
N SER A 38 9.33 -0.04 17.37
CA SER A 38 8.40 -1.15 17.11
C SER A 38 9.08 -2.45 17.34
N ASN A 39 8.48 -3.30 18.19
CA ASN A 39 8.99 -4.65 18.54
C ASN A 39 8.16 -5.75 17.86
N ARG A 40 7.01 -5.36 17.29
CA ARG A 40 6.02 -6.19 16.62
C ARG A 40 6.18 -6.11 15.12
N CYS A 41 6.00 -7.26 14.45
CA CYS A 41 6.00 -7.34 13.00
C CYS A 41 4.64 -6.92 12.48
N ASN A 42 4.54 -6.79 11.15
CA ASN A 42 3.35 -6.58 10.34
C ASN A 42 2.43 -5.44 10.81
N THR A 43 3.01 -4.31 11.28
CA THR A 43 2.23 -3.11 11.66
C THR A 43 2.68 -1.89 10.85
N MSE A 44 1.85 -0.83 10.84
CA MSE A 44 2.16 0.45 10.21
C MSE A 44 3.43 1.05 10.82
O MSE A 44 4.32 1.51 10.12
CB MSE A 44 0.98 1.41 10.38
CG MSE A 44 -0.08 1.25 9.31
SE MSE A 44 0.54 1.91 7.58
CE MSE A 44 0.54 3.86 7.99
N GLU A 45 3.51 0.99 12.17
CA GLU A 45 4.62 1.43 13.00
C GLU A 45 5.91 0.70 12.63
N GLN A 46 5.80 -0.60 12.30
CA GLN A 46 6.96 -1.42 11.95
C GLN A 46 7.50 -1.04 10.58
N PHE A 47 6.60 -0.90 9.59
CA PHE A 47 6.90 -0.66 8.18
C PHE A 47 7.21 0.79 7.80
N GLY A 48 6.44 1.72 8.35
CA GLY A 48 6.55 3.11 7.96
C GLY A 48 5.70 3.36 6.73
N SER A 49 6.07 4.35 5.90
CA SER A 49 5.25 4.72 4.75
C SER A 49 5.90 4.48 3.38
N GLY A 50 7.07 3.84 3.34
CA GLY A 50 7.81 3.62 2.11
C GLY A 50 7.37 2.43 1.28
N TYR A 51 8.17 2.11 0.25
CA TYR A 51 7.96 0.93 -0.62
C TYR A 51 7.84 -0.35 0.23
N VAL A 52 8.50 -0.39 1.41
CA VAL A 52 8.49 -1.54 2.31
C VAL A 52 7.04 -1.86 2.73
N LEU A 53 6.27 -0.82 3.08
CA LEU A 53 4.87 -0.97 3.46
C LEU A 53 4.08 -1.66 2.32
N PHE A 54 4.21 -1.14 1.09
CA PHE A 54 3.50 -1.60 -0.09
C PHE A 54 3.92 -2.99 -0.55
N THR A 55 5.17 -3.38 -0.30
CA THR A 55 5.72 -4.69 -0.60
C THR A 55 5.21 -5.70 0.44
N ALA A 56 5.28 -5.29 1.73
CA ALA A 56 4.87 -6.09 2.87
C ALA A 56 3.40 -6.51 2.77
N THR A 57 2.51 -5.54 2.48
CA THR A 57 1.06 -5.78 2.38
C THR A 57 0.75 -6.77 1.23
N GLN A 58 1.52 -6.71 0.12
CA GLN A 58 1.37 -7.65 -1.00
C GLN A 58 1.77 -9.05 -0.56
N LEU A 59 2.82 -9.13 0.29
CA LEU A 59 3.32 -10.38 0.85
C LEU A 59 2.32 -10.94 1.89
N LEU A 60 1.82 -10.06 2.78
CA LEU A 60 0.85 -10.39 3.81
C LEU A 60 -0.49 -10.88 3.23
N GLU A 61 -0.95 -10.28 2.11
CA GLU A 61 -2.21 -10.68 1.48
C GLU A 61 -1.98 -11.91 0.56
N GLY A 62 -1.01 -11.78 -0.35
CA GLY A 62 -0.67 -12.79 -1.33
C GLY A 62 -0.25 -14.13 -0.76
N LYS A 63 0.72 -14.09 0.20
CA LYS A 63 1.27 -15.30 0.82
C LYS A 63 0.73 -15.48 2.25
N ALA A 64 -0.56 -15.11 2.46
CA ALA A 64 -1.28 -15.16 3.76
C ALA A 64 -1.26 -16.54 4.43
N ALA A 65 -1.39 -17.63 3.64
CA ALA A 65 -1.39 -19.03 4.12
C ALA A 65 -0.09 -19.39 4.82
N LEU A 66 0.98 -18.62 4.56
CA LEU A 66 2.30 -18.82 5.15
C LEU A 66 2.52 -17.93 6.39
N GLN A 67 1.61 -16.99 6.64
CA GLN A 67 1.62 -16.03 7.75
C GLN A 67 3.05 -15.49 8.00
N PRO A 68 3.61 -14.73 7.02
CA PRO A 68 4.99 -14.24 7.19
C PRO A 68 5.12 -13.14 8.24
N LYS A 69 6.29 -13.08 8.88
CA LYS A 69 6.59 -12.05 9.88
C LYS A 69 7.56 -11.08 9.21
N ILE A 70 7.07 -9.88 8.85
CA ILE A 70 7.83 -8.88 8.11
C ILE A 70 8.30 -7.73 9.02
N TYR A 71 9.60 -7.39 8.90
CA TYR A 71 10.28 -6.37 9.69
C TYR A 71 11.01 -5.38 8.78
N ASN A 72 11.23 -4.15 9.30
CA ASN A 72 11.96 -3.07 8.62
C ASN A 72 13.02 -2.54 9.58
N ARG A 73 14.30 -2.51 9.16
CA ARG A 73 15.36 -1.98 10.02
C ARG A 73 16.16 -0.84 9.35
N GLY A 74 15.67 -0.34 8.20
CA GLY A 74 16.30 0.75 7.48
C GLY A 74 16.45 2.00 8.32
N ILE A 75 17.57 2.72 8.13
CA ILE A 75 17.88 3.98 8.82
C ILE A 75 18.34 5.01 7.79
N SER A 76 17.69 6.17 7.77
CA SER A 76 18.03 7.28 6.88
C SER A 76 19.49 7.73 7.07
N GLY A 77 20.06 8.17 5.95
CA GLY A 77 21.43 8.63 5.87
C GLY A 77 22.48 7.53 5.81
N ASN A 78 22.05 6.27 5.92
CA ASN A 78 22.94 5.13 5.99
C ASN A 78 23.75 4.83 4.70
N LYS A 79 25.01 4.46 4.93
CA LYS A 79 25.96 4.00 3.93
C LYS A 79 26.30 2.56 4.28
N VAL A 80 26.93 1.83 3.36
CA VAL A 80 27.24 0.41 3.60
C VAL A 80 27.94 0.19 4.97
N TYR A 81 28.99 0.96 5.31
CA TYR A 81 29.67 0.78 6.60
C TYR A 81 28.72 0.96 7.77
N GLN A 82 27.75 1.88 7.64
CA GLN A 82 26.76 2.16 8.68
C GLN A 82 25.77 1.00 8.85
N LEU A 83 25.54 0.16 7.82
CA LEU A 83 24.72 -1.05 7.93
C LEU A 83 25.48 -2.08 8.73
N ARG A 84 26.77 -2.29 8.40
CA ARG A 84 27.64 -3.23 9.11
C ARG A 84 27.73 -2.87 10.64
N GLU A 85 27.88 -1.57 10.99
CA GLU A 85 27.92 -1.06 12.37
C GLU A 85 26.77 -1.55 13.27
N ARG A 86 25.61 -1.94 12.67
CA ARG A 86 24.42 -2.36 13.42
C ARG A 86 23.85 -3.66 12.86
N TRP A 87 24.68 -4.39 12.11
CA TRP A 87 24.28 -5.61 11.45
C TRP A 87 23.88 -6.73 12.42
N GLU A 88 24.47 -6.75 13.62
CA GLU A 88 24.21 -7.78 14.61
C GLU A 88 22.84 -7.61 15.24
N ILE A 89 22.49 -6.37 15.63
CA ILE A 89 21.22 -6.08 16.31
C ILE A 89 20.07 -5.92 15.29
N ASP A 90 20.32 -5.17 14.20
CA ASP A 90 19.30 -4.84 13.21
C ASP A 90 19.28 -5.81 12.00
N CYS A 91 19.90 -7.01 12.12
CA CYS A 91 19.84 -8.02 11.06
C CYS A 91 20.01 -9.43 11.62
N LEU A 92 21.21 -9.76 12.09
CA LEU A 92 21.58 -11.09 12.54
C LEU A 92 20.63 -11.64 13.60
N ALA A 93 20.24 -10.78 14.55
CA ALA A 93 19.32 -11.06 15.65
C ALA A 93 17.96 -11.54 15.16
N PHE A 94 17.53 -11.11 13.97
CA PHE A 94 16.24 -11.48 13.43
C PHE A 94 16.23 -12.87 12.84
N GLN A 95 17.43 -13.38 12.47
CA GLN A 95 17.63 -14.64 11.76
C GLN A 95 16.70 -14.65 10.53
N PRO A 96 16.78 -13.63 9.64
CA PRO A 96 15.83 -13.56 8.52
C PRO A 96 15.96 -14.69 7.51
N ASP A 97 14.80 -15.22 7.11
CA ASP A 97 14.70 -16.25 6.09
C ASP A 97 14.93 -15.60 4.71
N VAL A 98 14.46 -14.35 4.57
CA VAL A 98 14.58 -13.51 3.38
C VAL A 98 15.03 -12.12 3.82
N LEU A 99 16.19 -11.69 3.34
CA LEU A 99 16.75 -10.39 3.68
C LEU A 99 16.85 -9.53 2.41
N SER A 100 16.36 -8.30 2.48
CA SER A 100 16.34 -7.36 1.37
C SER A 100 17.22 -6.16 1.70
N ILE A 101 18.12 -5.81 0.78
CA ILE A 101 19.05 -4.70 0.98
C ILE A 101 18.95 -3.71 -0.19
N LEU A 102 18.78 -2.44 0.15
CA LEU A 102 18.77 -1.32 -0.80
C LEU A 102 19.70 -0.27 -0.21
N ILE A 103 20.91 -0.17 -0.75
CA ILE A 103 21.93 0.76 -0.27
C ILE A 103 22.83 1.18 -1.43
N GLY A 104 23.27 2.44 -1.41
CA GLY A 104 24.16 2.97 -2.44
C GLY A 104 23.99 4.42 -2.82
N VAL A 105 22.77 4.95 -2.73
CA VAL A 105 22.53 6.34 -3.13
C VAL A 105 23.28 7.32 -2.20
N ASN A 106 23.31 7.04 -0.88
CA ASN A 106 23.98 7.89 0.10
C ASN A 106 25.50 7.80 -0.03
N ASP A 107 25.99 6.60 -0.38
CA ASP A 107 27.38 6.23 -0.63
C ASP A 107 28.00 7.05 -1.77
N TYR A 108 27.14 7.77 -2.51
CA TYR A 108 27.55 8.69 -3.57
C TYR A 108 27.11 10.11 -3.19
N TRP A 109 25.82 10.31 -2.91
CA TRP A 109 25.23 11.61 -2.59
C TRP A 109 25.96 12.37 -1.46
N HIS A 110 26.34 11.66 -0.40
CA HIS A 110 26.99 12.30 0.74
C HIS A 110 28.41 12.79 0.42
N THR A 111 28.97 12.41 -0.76
CA THR A 111 30.27 12.91 -1.22
C THR A 111 30.07 14.35 -1.69
N LEU A 112 28.82 14.65 -2.12
CA LEU A 112 28.42 15.97 -2.58
C LEU A 112 27.88 16.82 -1.44
N THR A 113 27.06 16.21 -0.54
CA THR A 113 26.36 16.94 0.52
C THR A 113 27.03 16.95 1.90
N HIS A 114 27.79 15.92 2.26
CA HIS A 114 28.42 15.91 3.59
C HIS A 114 29.94 15.73 3.54
N GLY A 115 30.53 15.83 2.35
CA GLY A 115 31.97 15.67 2.16
C GLY A 115 32.53 14.29 2.44
N TYR A 116 31.68 13.23 2.37
CA TYR A 116 32.02 11.80 2.56
C TYR A 116 33.13 11.43 1.55
N LYS A 117 34.23 10.82 2.02
CA LYS A 117 35.41 10.52 1.19
C LYS A 117 35.40 9.12 0.55
N GLY A 118 34.23 8.48 0.48
CA GLY A 118 34.07 7.15 -0.10
C GLY A 118 33.80 7.11 -1.59
N THR A 119 34.61 6.31 -2.32
CA THR A 119 34.46 6.09 -3.77
C THR A 119 33.56 4.88 -4.05
N VAL A 120 33.42 4.49 -5.33
CA VAL A 120 32.69 3.29 -5.74
C VAL A 120 33.47 2.06 -5.24
N GLU A 121 34.82 2.21 -5.13
CA GLU A 121 35.71 1.18 -4.59
C GLU A 121 35.30 0.87 -3.18
N THR A 122 35.15 1.94 -2.35
CA THR A 122 34.72 1.85 -0.95
C THR A 122 33.45 1.04 -0.86
N TYR A 123 32.43 1.49 -1.62
CA TYR A 123 31.08 0.94 -1.71
C TYR A 123 31.10 -0.56 -2.11
N GLU A 124 31.76 -0.91 -3.23
CA GLU A 124 31.82 -2.29 -3.73
C GLU A 124 32.56 -3.22 -2.75
N ASN A 125 33.67 -2.77 -2.16
CA ASN A 125 34.41 -3.58 -1.20
C ASN A 125 33.62 -3.80 0.09
N ASP A 126 33.00 -2.73 0.62
CA ASP A 126 32.21 -2.76 1.85
C ASP A 126 30.97 -3.65 1.72
N LEU A 127 30.28 -3.59 0.54
CA LEU A 127 29.09 -4.39 0.27
C LEU A 127 29.47 -5.88 0.13
N ARG A 128 30.61 -6.15 -0.55
CA ARG A 128 31.14 -7.49 -0.73
C ARG A 128 31.34 -8.09 0.66
N ALA A 129 32.02 -7.33 1.55
CA ALA A 129 32.34 -7.68 2.91
C ALA A 129 31.07 -7.95 3.72
N LEU A 130 30.04 -7.06 3.58
CA LEU A 130 28.74 -7.20 4.26
C LEU A 130 27.97 -8.46 3.81
N LEU A 131 28.03 -8.77 2.50
CA LEU A 131 27.37 -9.94 1.92
C LEU A 131 28.11 -11.23 2.29
N LYS A 132 29.46 -11.19 2.35
CA LYS A 132 30.27 -12.35 2.70
C LYS A 132 29.95 -12.76 4.14
N TYR A 133 29.94 -11.77 5.05
CA TYR A 133 29.64 -11.91 6.46
C TYR A 133 28.20 -12.41 6.68
N THR A 134 27.23 -11.85 5.93
CA THR A 134 25.83 -12.23 6.05
C THR A 134 25.65 -13.73 5.75
N LYS A 135 26.16 -14.20 4.58
CA LYS A 135 26.08 -15.59 4.17
C LYS A 135 26.87 -16.49 5.11
N GLU A 136 27.95 -15.95 5.72
CA GLU A 136 28.81 -16.64 6.68
C GLU A 136 28.01 -16.93 7.97
N LYS A 137 27.33 -15.91 8.54
CA LYS A 137 26.56 -15.99 9.79
C LYS A 137 25.14 -16.56 9.59
N LEU A 138 24.48 -16.30 8.46
CA LEU A 138 23.15 -16.85 8.17
C LEU A 138 23.22 -17.59 6.82
N PRO A 139 23.81 -18.80 6.78
CA PRO A 139 24.01 -19.48 5.50
C PRO A 139 22.73 -19.89 4.74
N ASN A 140 21.55 -19.86 5.37
CA ASN A 140 20.29 -20.20 4.69
C ASN A 140 19.46 -18.99 4.28
N THR A 141 19.95 -17.79 4.58
CA THR A 141 19.22 -16.58 4.22
C THR A 141 19.27 -16.35 2.70
N GLN A 142 18.08 -16.08 2.13
CA GLN A 142 17.89 -15.73 0.76
C GLN A 142 17.99 -14.20 0.69
N ILE A 143 19.00 -13.70 -0.05
CA ILE A 143 19.20 -12.26 -0.19
C ILE A 143 18.55 -11.73 -1.49
N VAL A 144 17.89 -10.56 -1.35
CA VAL A 144 17.26 -9.73 -2.36
C VAL A 144 18.06 -8.45 -2.33
N LEU A 145 18.97 -8.28 -3.29
CA LEU A 145 19.79 -7.08 -3.43
C LEU A 145 19.12 -6.17 -4.45
N CYS A 146 18.80 -4.93 -4.05
CA CYS A 146 18.10 -3.94 -4.87
C CYS A 146 19.06 -2.96 -5.53
N GLU A 147 18.72 -2.53 -6.76
CA GLU A 147 19.52 -1.58 -7.53
C GLU A 147 19.33 -0.15 -6.98
N PRO A 148 20.44 0.53 -6.56
CA PRO A 148 20.31 1.96 -6.17
C PRO A 148 19.93 2.77 -7.42
N PHE A 149 19.11 3.84 -7.28
CA PHE A 149 18.57 4.56 -8.43
C PHE A 149 18.41 6.06 -8.23
N THR A 150 18.08 6.78 -9.34
CA THR A 150 17.77 8.22 -9.39
C THR A 150 16.84 8.55 -10.56
N LEU A 151 16.03 9.60 -10.36
CA LEU A 151 15.18 10.19 -11.37
C LEU A 151 15.84 11.56 -11.72
N ARG A 152 16.46 11.64 -12.92
CA ARG A 152 17.25 12.76 -13.45
C ARG A 152 16.57 14.14 -13.30
N ASP A 153 15.23 14.19 -13.48
CA ASP A 153 14.50 15.45 -13.35
C ASP A 153 13.93 15.64 -11.94
N GLY A 154 14.60 15.07 -10.95
CA GLY A 154 14.25 15.25 -9.54
C GLY A 154 14.86 16.53 -9.05
N ALA A 155 14.36 17.06 -7.92
CA ALA A 155 14.82 18.32 -7.33
C ALA A 155 16.29 18.30 -6.87
N ALA A 156 16.77 17.18 -6.30
CA ALA A 156 18.11 17.03 -5.72
C ALA A 156 19.21 16.62 -6.69
N ILE A 157 18.85 16.23 -7.93
CA ILE A 157 19.84 15.76 -8.89
C ILE A 157 20.28 16.86 -9.86
N GLU A 158 21.61 17.03 -9.95
CA GLU A 158 22.34 17.90 -10.87
C GLU A 158 23.08 16.95 -11.78
N ASP A 159 22.59 16.76 -13.02
CA ASP A 159 23.11 15.79 -14.00
C ASP A 159 24.65 15.81 -14.14
N SER A 160 25.27 17.02 -14.18
CA SER A 160 26.73 17.19 -14.25
C SER A 160 27.46 16.62 -13.02
N LYS A 161 26.81 16.66 -11.85
CA LYS A 161 27.39 16.22 -10.57
C LYS A 161 27.06 14.75 -10.24
N TRP A 162 26.31 14.04 -11.11
CA TRP A 162 25.90 12.66 -10.84
C TRP A 162 26.30 11.62 -11.87
N TYR A 163 26.11 11.93 -13.15
CA TYR A 163 26.33 10.97 -14.22
C TYR A 163 27.58 11.30 -15.05
N PRO A 164 28.36 10.28 -15.49
CA PRO A 164 28.13 8.82 -15.37
C PRO A 164 28.62 8.16 -14.08
N MSE A 165 29.23 8.93 -13.17
CA MSE A 165 29.81 8.47 -11.90
C MSE A 165 28.93 7.47 -11.16
O MSE A 165 29.40 6.39 -10.79
CB MSE A 165 30.08 9.65 -10.97
CG MSE A 165 31.25 10.53 -11.37
SE MSE A 165 30.82 11.66 -12.87
CE MSE A 165 29.61 12.96 -12.05
N PHE A 166 27.66 7.85 -10.94
CA PHE A 166 26.72 7.05 -10.17
C PHE A 166 26.39 5.70 -10.84
N ASP A 167 26.44 5.63 -12.20
CA ASP A 167 26.17 4.40 -12.95
C ASP A 167 27.10 3.24 -12.53
N GLU A 168 28.30 3.59 -12.00
CA GLU A 168 29.32 2.65 -11.50
C GLU A 168 28.84 1.97 -10.23
N PHE A 169 28.01 2.68 -9.44
CA PHE A 169 27.40 2.18 -8.20
C PHE A 169 26.34 1.14 -8.53
N ARG A 170 25.56 1.37 -9.60
CA ARG A 170 24.53 0.43 -10.08
C ARG A 170 25.20 -0.84 -10.65
N LYS A 171 26.36 -0.66 -11.34
CA LYS A 171 27.19 -1.73 -11.92
C LYS A 171 27.68 -2.67 -10.82
N SER A 172 28.10 -2.08 -9.68
CA SER A 172 28.63 -2.79 -8.54
C SER A 172 27.55 -3.60 -7.86
N ALA A 173 26.39 -2.98 -7.62
CA ALA A 173 25.27 -3.67 -6.99
C ALA A 173 24.91 -4.92 -7.79
N ARG A 174 24.87 -4.80 -9.16
CA ARG A 174 24.56 -5.92 -10.03
C ARG A 174 25.66 -6.98 -9.98
N LYS A 175 26.95 -6.56 -10.09
CA LYS A 175 28.13 -7.44 -10.07
C LYS A 175 28.14 -8.33 -8.81
N LEU A 176 27.74 -7.73 -7.67
CA LEU A 176 27.73 -8.41 -6.40
C LEU A 176 26.54 -9.34 -6.29
N SER A 177 25.39 -8.99 -6.90
CA SER A 177 24.22 -9.88 -6.91
C SER A 177 24.59 -11.18 -7.67
N GLU A 178 25.45 -11.05 -8.70
CA GLU A 178 25.93 -12.17 -9.50
C GLU A 178 26.91 -13.02 -8.67
N GLU A 179 27.91 -12.37 -8.02
CA GLU A 179 28.95 -12.99 -7.20
C GLU A 179 28.37 -13.88 -6.11
N PHE A 180 27.38 -13.36 -5.37
CA PHE A 180 26.76 -14.07 -4.26
C PHE A 180 25.50 -14.84 -4.72
N ASN A 181 25.15 -14.74 -6.02
CA ASN A 181 24.00 -15.37 -6.68
C ASN A 181 22.66 -15.06 -5.93
N THR A 182 22.42 -13.77 -5.72
CA THR A 182 21.22 -13.26 -5.05
C THR A 182 20.16 -12.86 -6.08
N ILE A 183 18.98 -12.44 -5.59
CA ILE A 183 17.94 -11.88 -6.46
C ILE A 183 18.31 -10.39 -6.62
N PHE A 184 18.09 -9.85 -7.84
CA PHE A 184 18.41 -8.47 -8.12
C PHE A 184 17.15 -7.69 -8.61
N VAL A 185 16.76 -6.64 -7.87
CA VAL A 185 15.61 -5.82 -8.27
C VAL A 185 16.16 -4.61 -9.07
N PRO A 186 15.91 -4.54 -10.40
CA PRO A 186 16.49 -3.45 -11.21
C PRO A 186 15.62 -2.19 -11.23
N PHE A 187 15.57 -1.49 -10.09
CA PHE A 187 14.75 -0.30 -9.90
C PHE A 187 14.97 0.78 -10.96
N GLN A 188 16.22 1.01 -11.40
CA GLN A 188 16.54 2.03 -12.41
C GLN A 188 15.74 1.80 -13.71
N SER A 189 15.73 0.55 -14.24
CA SER A 189 15.01 0.17 -15.47
C SER A 189 13.54 0.51 -15.37
N GLY A 190 12.96 0.24 -14.18
CA GLY A 190 11.57 0.52 -13.88
C GLY A 190 11.27 1.99 -13.90
N PHE A 191 12.15 2.78 -13.27
CA PHE A 191 11.97 4.23 -13.19
C PHE A 191 12.26 4.88 -14.54
N ASP A 192 13.22 4.31 -15.29
CA ASP A 192 13.58 4.77 -16.64
C ASP A 192 12.35 4.65 -17.55
N ALA A 193 11.51 3.63 -17.30
CA ALA A 193 10.28 3.34 -18.04
C ALA A 193 9.10 4.21 -17.57
N ALA A 194 8.94 4.33 -16.23
CA ALA A 194 7.88 5.07 -15.55
C ALA A 194 7.84 6.56 -15.99
N VAL A 195 9.03 7.20 -16.09
CA VAL A 195 9.15 8.60 -16.49
C VAL A 195 8.68 8.84 -17.95
N LYS A 196 8.55 7.76 -18.76
CA LYS A 196 8.04 7.87 -20.14
C LYS A 196 6.50 7.97 -20.12
N LEU A 197 5.87 7.62 -18.98
CA LEU A 197 4.41 7.65 -18.77
C LEU A 197 3.93 8.90 -18.05
N ALA A 198 4.72 9.41 -17.08
CA ALA A 198 4.44 10.61 -16.26
C ALA A 198 5.78 11.25 -15.80
N PRO A 199 5.86 12.59 -15.61
CA PRO A 199 7.15 13.21 -15.21
C PRO A 199 7.73 12.68 -13.90
N ALA A 200 9.07 12.71 -13.82
CA ALA A 200 9.87 12.22 -12.69
C ALA A 200 9.34 12.70 -11.33
N ARG A 201 8.94 13.97 -11.21
CA ARG A 201 8.49 14.54 -9.94
C ARG A 201 7.11 14.03 -9.47
N TYR A 202 6.43 13.25 -10.32
CA TYR A 202 5.20 12.54 -9.98
C TYR A 202 5.60 11.31 -9.16
N TRP A 203 6.69 10.64 -9.58
CA TRP A 203 7.20 9.42 -8.98
C TRP A 203 8.03 9.71 -7.75
N SER A 204 8.85 10.77 -7.80
CA SER A 204 9.78 11.20 -6.74
C SER A 204 10.09 12.66 -6.93
N ASN A 205 9.81 13.49 -5.92
CA ASN A 205 10.02 14.92 -6.05
C ASN A 205 11.53 15.31 -6.07
N ASP A 206 12.37 14.68 -5.22
CA ASP A 206 13.80 15.01 -5.17
C ASP A 206 14.67 14.14 -6.13
N GLY A 207 14.10 13.05 -6.63
CA GLY A 207 14.78 12.13 -7.54
C GLY A 207 15.56 11.04 -6.82
N VAL A 208 15.54 11.07 -5.48
CA VAL A 208 16.23 10.13 -4.59
C VAL A 208 15.18 9.28 -3.85
N HIS A 209 14.29 9.98 -3.11
CA HIS A 209 13.24 9.41 -2.29
C HIS A 209 11.93 9.36 -3.09
N PRO A 210 11.37 8.12 -3.27
CA PRO A 210 10.11 7.99 -4.02
C PRO A 210 8.88 8.43 -3.23
N ASP A 211 7.91 9.00 -3.96
CA ASP A 211 6.61 9.40 -3.42
C ASP A 211 5.64 8.24 -3.69
N LEU A 212 4.36 8.35 -3.27
CA LEU A 212 3.38 7.26 -3.35
C LEU A 212 3.36 6.49 -4.70
N PRO A 213 3.38 7.12 -5.91
CA PRO A 213 3.37 6.33 -7.14
C PRO A 213 4.65 5.53 -7.35
N GLY A 214 5.77 6.07 -6.86
CA GLY A 214 7.09 5.42 -6.96
C GLY A 214 7.26 4.27 -6.00
N ARG A 215 6.67 4.37 -4.82
CA ARG A 215 6.67 3.35 -3.77
C ARG A 215 5.96 2.09 -4.26
N GLN A 216 4.72 2.27 -4.79
CA GLN A 216 3.90 1.21 -5.35
C GLN A 216 4.65 0.51 -6.49
N LEU A 217 5.29 1.31 -7.40
CA LEU A 217 6.09 0.81 -8.53
C LEU A 217 7.24 -0.11 -8.07
N MSE A 218 7.95 0.33 -7.00
CA MSE A 218 9.08 -0.39 -6.44
C MSE A 218 8.63 -1.69 -5.85
O MSE A 218 9.30 -2.71 -6.08
CB MSE A 218 9.78 0.46 -5.39
CG MSE A 218 10.58 1.58 -6.02
SE MSE A 218 11.19 2.75 -4.65
CE MSE A 218 12.53 1.59 -3.85
N ALA A 219 7.49 -1.65 -5.09
CA ALA A 219 6.86 -2.82 -4.47
C ALA A 219 6.55 -3.88 -5.51
N ASN A 220 5.95 -3.47 -6.65
CA ASN A 220 5.57 -4.35 -7.76
C ASN A 220 6.81 -4.98 -8.39
N MSE A 221 7.90 -4.21 -8.54
CA MSE A 221 9.18 -4.67 -9.10
C MSE A 221 9.78 -5.78 -8.23
O MSE A 221 10.19 -6.83 -8.73
CB MSE A 221 10.15 -3.51 -9.23
CG MSE A 221 9.77 -2.50 -10.28
SE MSE A 221 11.33 -1.54 -10.92
CE MSE A 221 12.16 -3.03 -11.89
N TRP A 222 9.80 -5.52 -6.93
CA TRP A 222 10.29 -6.41 -5.90
C TRP A 222 9.50 -7.71 -5.90
N MSE A 223 8.15 -7.64 -5.95
CA MSE A 223 7.34 -8.85 -5.98
C MSE A 223 7.64 -9.66 -7.25
O MSE A 223 7.75 -10.88 -7.18
CB MSE A 223 5.86 -8.52 -5.87
CG MSE A 223 5.47 -7.96 -4.51
SE MSE A 223 5.79 -9.17 -3.04
CE MSE A 223 4.21 -10.26 -3.28
N GLU A 224 7.85 -8.96 -8.38
CA GLU A 224 8.16 -9.55 -9.69
C GLU A 224 9.57 -10.16 -9.71
N ALA A 225 10.62 -9.42 -9.31
CA ALA A 225 12.01 -9.91 -9.33
C ALA A 225 12.18 -11.17 -8.48
N THR A 226 11.50 -11.22 -7.31
CA THR A 226 11.56 -12.35 -6.35
C THR A 226 10.72 -13.52 -6.82
N GLY A 227 9.78 -13.28 -7.74
CA GLY A 227 8.87 -14.27 -8.27
C GLY A 227 7.74 -14.61 -7.32
N LEU A 228 7.46 -13.73 -6.34
CA LEU A 228 6.40 -13.94 -5.35
C LEU A 228 5.01 -13.36 -5.81
N LYS A 229 4.75 -13.43 -7.16
CA LYS A 229 3.56 -13.02 -7.93
C LYS A 229 3.66 -11.54 -8.36
N PRO B 12 -19.52 -4.14 -17.55
CA PRO B 12 -19.27 -2.74 -17.16
C PRO B 12 -17.87 -2.54 -16.55
N LYS B 13 -17.19 -1.44 -16.92
CA LYS B 13 -15.86 -1.04 -16.42
C LYS B 13 -15.85 0.46 -16.22
N ILE B 14 -14.92 0.94 -15.38
CA ILE B 14 -14.75 2.36 -15.12
C ILE B 14 -13.90 2.98 -16.23
N ASN B 15 -14.31 4.12 -16.76
CA ASN B 15 -13.54 4.81 -17.81
C ASN B 15 -12.93 6.10 -17.20
N LEU B 16 -11.60 6.25 -17.26
CA LEU B 16 -10.92 7.41 -16.68
C LEU B 16 -10.36 8.30 -17.75
N LYS B 17 -10.37 9.61 -17.49
CA LYS B 17 -9.81 10.61 -18.39
C LYS B 17 -8.54 11.22 -17.75
N LYS B 18 -7.82 12.08 -18.48
CA LYS B 18 -6.67 12.77 -17.92
C LYS B 18 -7.19 13.70 -16.81
N ASP B 19 -6.43 13.81 -15.72
CA ASP B 19 -6.73 14.65 -14.56
C ASP B 19 -8.12 14.33 -13.95
N CYS B 20 -8.56 13.06 -14.02
CA CYS B 20 -9.84 12.60 -13.47
C CYS B 20 -9.85 12.67 -11.95
N VAL B 21 -11.00 13.01 -11.35
CA VAL B 21 -11.13 13.11 -9.89
C VAL B 21 -11.76 11.81 -9.36
N ILE B 22 -11.08 11.15 -8.41
CA ILE B 22 -11.58 9.92 -7.78
C ILE B 22 -11.80 10.24 -6.30
N LEU B 23 -13.03 9.96 -5.79
CA LEU B 23 -13.37 10.22 -4.41
C LEU B 23 -13.91 8.97 -3.71
N PHE B 24 -13.28 8.68 -2.57
CA PHE B 24 -13.65 7.58 -1.70
C PHE B 24 -14.48 8.14 -0.56
N GLN B 25 -15.64 7.54 -0.37
CA GLN B 25 -16.59 7.94 0.64
C GLN B 25 -17.06 6.69 1.45
N GLY B 26 -17.30 6.90 2.75
CA GLY B 26 -17.72 5.85 3.67
C GLY B 26 -17.60 6.15 5.17
N ASP B 27 -17.29 5.11 5.96
CA ASP B 27 -17.20 5.22 7.41
C ASP B 27 -15.78 4.92 7.95
N SEP B 28 -15.71 4.27 9.12
CA SEP B 28 -14.50 3.89 9.85
CB SEP B 28 -15.12 3.04 11.16
OG SEP B 28 -16.61 3.34 11.67
C SEP B 28 -13.48 3.23 8.87
O SEP B 28 -12.34 3.66 8.79
P SEP B 28 -17.17 2.79 13.14
O1P SEP B 28 -15.92 2.71 14.08
O2P SEP B 28 -18.21 3.41 14.03
O3P SEP B 28 -17.82 1.40 13.02
N ILE B 29 -13.99 2.28 8.05
CA ILE B 29 -13.22 1.48 7.08
C ILE B 29 -12.60 2.36 5.94
N THR B 30 -13.30 3.43 5.53
CA THR B 30 -12.87 4.34 4.47
C THR B 30 -11.98 5.48 5.05
N ASP B 31 -12.36 6.07 6.20
CA ASP B 31 -11.63 7.12 6.93
C ASP B 31 -10.23 6.63 7.30
N CYS B 32 -10.19 5.57 8.14
CA CYS B 32 -9.03 4.88 8.74
C CYS B 32 -7.86 5.86 9.11
N GLY B 33 -8.18 6.90 9.89
CA GLY B 33 -7.25 7.89 10.41
C GLY B 33 -6.61 8.86 9.42
N ARG B 34 -7.33 9.18 8.34
CA ARG B 34 -6.86 10.18 7.38
C ARG B 34 -6.88 11.58 8.03
N ASP B 35 -5.95 12.46 7.62
CA ASP B 35 -5.93 13.83 8.12
C ASP B 35 -7.10 14.58 7.46
N ARG B 36 -8.03 15.01 8.31
CA ARG B 36 -9.23 15.70 7.90
C ARG B 36 -8.92 17.15 7.50
N ASN B 37 -7.71 17.63 7.85
CA ASN B 37 -7.24 18.96 7.48
C ASN B 37 -6.47 18.98 6.13
N SER B 38 -6.30 17.82 5.45
CA SER B 38 -5.59 17.75 4.16
C SER B 38 -6.45 18.29 3.01
N ASN B 39 -5.93 19.34 2.35
CA ASN B 39 -6.59 20.03 1.23
C ASN B 39 -6.03 19.57 -0.11
N ARG B 40 -4.90 18.81 -0.04
CA ARG B 40 -4.17 18.26 -1.18
C ARG B 40 -4.55 16.84 -1.48
N CYS B 41 -4.63 16.49 -2.77
CA CYS B 41 -4.88 15.13 -3.20
C CYS B 41 -3.58 14.34 -3.13
N ASN B 42 -3.67 13.03 -3.35
CA ASN B 42 -2.61 12.06 -3.52
C ASN B 42 -1.50 12.09 -2.45
N THR B 43 -1.84 12.30 -1.17
CA THR B 43 -0.85 12.25 -0.06
C THR B 43 -1.28 11.21 0.99
N MSE B 44 -0.33 10.82 1.87
CA MSE B 44 -0.59 9.92 3.01
C MSE B 44 -1.67 10.53 3.92
O MSE B 44 -2.59 9.83 4.34
CB MSE B 44 0.70 9.70 3.82
CG MSE B 44 1.62 8.63 3.25
SE MSE B 44 0.93 6.86 3.60
CE MSE B 44 1.06 6.80 5.58
N GLU B 45 -1.54 11.84 4.19
CA GLU B 45 -2.44 12.67 4.99
C GLU B 45 -3.84 12.65 4.39
N GLN B 46 -3.95 12.64 3.05
CA GLN B 46 -5.24 12.68 2.35
C GLN B 46 -5.96 11.34 2.48
N PHE B 47 -5.21 10.25 2.26
CA PHE B 47 -5.71 8.88 2.20
C PHE B 47 -5.89 8.19 3.54
N GLY B 48 -4.95 8.39 4.46
CA GLY B 48 -4.96 7.68 5.72
C GLY B 48 -4.28 6.33 5.56
N SER B 49 -4.65 5.35 6.38
CA SER B 49 -3.99 4.04 6.37
C SER B 49 -4.88 2.86 5.93
N GLY B 50 -6.11 3.14 5.46
CA GLY B 50 -7.05 2.10 5.05
C GLY B 50 -6.85 1.56 3.66
N TYR B 51 -7.81 0.73 3.21
CA TYR B 51 -7.86 0.15 1.86
C TYR B 51 -7.78 1.27 0.81
N VAL B 52 -8.28 2.49 1.14
CA VAL B 52 -8.26 3.65 0.23
C VAL B 52 -6.81 3.96 -0.17
N LEU B 53 -5.88 3.98 0.80
CA LEU B 53 -4.47 4.21 0.53
C LEU B 53 -3.93 3.20 -0.52
N PHE B 54 -4.19 1.90 -0.29
CA PHE B 54 -3.71 0.80 -1.11
C PHE B 54 -4.36 0.76 -2.49
N THR B 55 -5.59 1.23 -2.61
CA THR B 55 -6.33 1.34 -3.87
C THR B 55 -5.82 2.55 -4.65
N ALA B 56 -5.65 3.69 -3.96
CA ALA B 56 -5.18 4.94 -4.52
C ALA B 56 -3.80 4.78 -5.18
N THR B 57 -2.85 4.16 -4.47
CA THR B 57 -1.48 3.94 -4.93
C THR B 57 -1.46 3.07 -6.19
N GLN B 58 -2.37 2.08 -6.28
CA GLN B 58 -2.50 1.21 -7.46
C GLN B 58 -3.01 2.02 -8.64
N LEU B 59 -3.94 2.98 -8.35
CA LEU B 59 -4.49 3.91 -9.34
C LEU B 59 -3.41 4.93 -9.79
N LEU B 60 -2.68 5.50 -8.82
CA LEU B 60 -1.59 6.46 -9.04
C LEU B 60 -0.43 5.84 -9.85
N GLU B 61 -0.11 4.57 -9.62
CA GLU B 61 0.99 3.91 -10.33
C GLU B 61 0.48 3.35 -11.70
N GLY B 62 -0.59 2.55 -11.63
CA GLY B 62 -1.22 1.91 -12.77
C GLY B 62 -1.71 2.85 -13.84
N LYS B 63 -2.49 3.87 -13.45
CA LYS B 63 -3.08 4.83 -14.37
C LYS B 63 -2.35 6.20 -14.29
N ALA B 64 -1.01 6.16 -14.09
CA ALA B 64 -0.11 7.32 -13.97
C ALA B 64 -0.18 8.29 -15.16
N ALA B 65 -0.32 7.76 -16.40
CA ALA B 65 -0.43 8.52 -17.66
C ALA B 65 -1.63 9.48 -17.64
N LEU B 66 -2.63 9.19 -16.79
CA LEU B 66 -3.85 9.97 -16.66
C LEU B 66 -3.76 10.96 -15.50
N GLN B 67 -2.69 10.88 -14.68
CA GLN B 67 -2.43 11.72 -13.52
C GLN B 67 -3.73 12.01 -12.71
N PRO B 68 -4.34 10.96 -12.09
CA PRO B 68 -5.60 11.17 -11.38
C PRO B 68 -5.44 11.92 -10.07
N LYS B 69 -6.47 12.67 -9.67
CA LYS B 69 -6.50 13.41 -8.41
C LYS B 69 -7.44 12.64 -7.48
N ILE B 70 -6.87 11.94 -6.47
CA ILE B 70 -7.62 11.06 -5.57
C ILE B 70 -7.81 11.70 -4.18
N TYR B 71 -9.06 11.65 -3.68
CA TYR B 71 -9.49 12.22 -2.40
C TYR B 71 -10.23 11.18 -1.56
N ASN B 72 -10.21 11.37 -0.24
CA ASN B 72 -10.90 10.52 0.75
C ASN B 72 -11.74 11.42 1.67
N ARG B 73 -13.05 11.11 1.80
CA ARG B 73 -13.90 11.90 2.68
C ARG B 73 -14.72 11.05 3.64
N GLY B 74 -14.28 9.81 3.86
CA GLY B 74 -14.90 8.91 4.83
C GLY B 74 -14.75 9.41 6.25
N ILE B 75 -15.78 9.18 7.08
CA ILE B 75 -15.82 9.57 8.51
C ILE B 75 -16.31 8.38 9.33
N SER B 76 -15.53 7.98 10.33
CA SER B 76 -15.88 6.89 11.25
C SER B 76 -17.23 7.10 11.94
N GLY B 77 -17.94 5.98 12.19
CA GLY B 77 -19.26 5.95 12.82
C GLY B 77 -20.41 6.30 11.91
N ASN B 78 -20.13 6.61 10.64
CA ASN B 78 -21.17 7.01 9.69
C ASN B 78 -22.09 5.88 9.23
N LYS B 79 -23.36 6.26 9.06
CA LYS B 79 -24.52 5.54 8.51
C LYS B 79 -24.99 6.34 7.28
N VAL B 80 -25.85 5.75 6.42
CA VAL B 80 -26.28 6.39 5.17
C VAL B 80 -26.76 7.83 5.41
N TYR B 81 -27.62 8.03 6.43
CA TYR B 81 -28.14 9.37 6.70
C TYR B 81 -27.06 10.41 7.08
N GLN B 82 -25.90 9.96 7.63
CA GLN B 82 -24.80 10.83 8.04
C GLN B 82 -23.92 11.17 6.85
N LEU B 83 -23.98 10.36 5.77
CA LEU B 83 -23.28 10.68 4.53
C LEU B 83 -24.03 11.79 3.87
N ARG B 84 -25.38 11.65 3.92
CA ARG B 84 -26.36 12.59 3.37
C ARG B 84 -26.13 13.99 3.93
N GLU B 85 -25.98 14.11 5.28
CA GLU B 85 -25.75 15.32 6.08
C GLU B 85 -24.54 16.19 5.63
N ARG B 86 -23.59 15.58 4.91
CA ARG B 86 -22.36 16.27 4.49
C ARG B 86 -22.06 15.98 3.02
N TRP B 87 -23.07 15.52 2.28
CA TRP B 87 -22.91 15.14 0.88
C TRP B 87 -22.54 16.32 -0.05
N GLU B 88 -22.96 17.53 0.31
CA GLU B 88 -22.71 18.72 -0.49
C GLU B 88 -21.25 19.15 -0.40
N ILE B 89 -20.70 19.18 0.82
CA ILE B 89 -19.33 19.64 1.05
C ILE B 89 -18.30 18.51 0.80
N ASP B 90 -18.61 17.32 1.29
CA ASP B 90 -17.71 16.17 1.22
C ASP B 90 -17.98 15.22 0.02
N CYS B 91 -18.70 15.69 -1.01
CA CYS B 91 -18.92 14.93 -2.23
C CYS B 91 -19.18 15.84 -3.44
N LEU B 92 -20.33 16.49 -3.45
CA LEU B 92 -20.78 17.31 -4.57
C LEU B 92 -19.77 18.37 -4.99
N ALA B 93 -19.15 19.03 -4.01
CA ALA B 93 -18.12 20.07 -4.16
C ALA B 93 -16.90 19.57 -4.96
N PHE B 94 -16.60 18.27 -4.88
CA PHE B 94 -15.47 17.68 -5.56
C PHE B 94 -15.71 17.47 -7.02
N GLN B 95 -17.01 17.37 -7.43
CA GLN B 95 -17.45 17.02 -8.78
C GLN B 95 -16.69 15.76 -9.23
N PRO B 96 -16.77 14.66 -8.43
CA PRO B 96 -15.97 13.46 -8.77
C PRO B 96 -16.35 12.78 -10.07
N ASP B 97 -15.35 12.40 -10.83
CA ASP B 97 -15.51 11.64 -12.07
C ASP B 97 -15.85 10.18 -11.72
N VAL B 98 -15.26 9.69 -10.62
CA VAL B 98 -15.46 8.36 -10.08
C VAL B 98 -15.67 8.49 -8.58
N LEU B 99 -16.84 8.06 -8.10
CA LEU B 99 -17.19 8.10 -6.70
C LEU B 99 -17.35 6.67 -6.14
N SER B 100 -16.71 6.39 -5.02
CA SER B 100 -16.74 5.07 -4.37
C SER B 100 -17.41 5.19 -3.01
N ILE B 101 -18.38 4.29 -2.75
CA ILE B 101 -19.13 4.29 -1.51
C ILE B 101 -19.10 2.92 -0.86
N LEU B 102 -18.72 2.90 0.43
CA LEU B 102 -18.72 1.71 1.28
C LEU B 102 -19.43 2.12 2.57
N ILE B 103 -20.70 1.69 2.70
CA ILE B 103 -21.54 2.04 3.83
C ILE B 103 -22.55 0.91 4.07
N GLY B 104 -22.87 0.68 5.35
CA GLY B 104 -23.83 -0.34 5.75
C GLY B 104 -23.56 -1.11 7.02
N VAL B 105 -22.28 -1.27 7.40
CA VAL B 105 -21.95 -2.03 8.61
C VAL B 105 -22.47 -1.28 9.87
N ASN B 106 -22.35 0.07 9.90
CA ASN B 106 -22.79 0.88 11.03
C ASN B 106 -24.31 0.92 11.11
N ASP B 107 -24.98 0.97 9.93
CA ASP B 107 -26.44 0.94 9.80
C ASP B 107 -27.06 -0.27 10.50
N TYR B 108 -26.26 -1.33 10.71
CA TYR B 108 -26.72 -2.51 11.41
C TYR B 108 -26.10 -2.52 12.80
N TRP B 109 -24.76 -2.46 12.90
CA TRP B 109 -24.02 -2.51 14.16
C TRP B 109 -24.52 -1.54 15.23
N HIS B 110 -24.84 -0.30 14.84
CA HIS B 110 -25.29 0.72 15.79
C HIS B 110 -26.69 0.41 16.38
N THR B 111 -27.40 -0.58 15.81
CA THR B 111 -28.69 -1.04 16.36
C THR B 111 -28.40 -1.85 17.61
N LEU B 112 -27.20 -2.46 17.64
CA LEU B 112 -26.71 -3.27 18.76
C LEU B 112 -25.95 -2.42 19.77
N THR B 113 -25.07 -1.51 19.29
CA THR B 113 -24.25 -0.70 20.18
C THR B 113 -24.88 0.64 20.61
N HIS B 114 -25.57 1.38 19.72
CA HIS B 114 -26.06 2.73 20.08
C HIS B 114 -27.58 2.86 20.08
N GLY B 115 -28.27 1.73 20.02
CA GLY B 115 -29.73 1.68 20.04
C GLY B 115 -30.44 2.27 18.85
N TYR B 116 -29.77 2.33 17.68
CA TYR B 116 -30.34 2.82 16.42
C TYR B 116 -31.60 2.01 16.10
N LYS B 117 -32.67 2.71 15.69
CA LYS B 117 -33.94 2.06 15.36
C LYS B 117 -34.10 1.79 13.83
N GLY B 118 -33.02 1.92 13.07
CA GLY B 118 -33.04 1.73 11.63
C GLY B 118 -32.81 0.31 11.16
N THR B 119 -33.75 -0.17 10.36
CA THR B 119 -33.72 -1.52 9.80
C THR B 119 -33.05 -1.50 8.42
N VAL B 120 -33.17 -2.66 7.72
CA VAL B 120 -32.63 -2.82 6.38
C VAL B 120 -33.46 -1.96 5.41
N GLU B 121 -34.76 -1.75 5.75
CA GLU B 121 -35.67 -0.90 4.99
C GLU B 121 -35.14 0.51 4.99
N THR B 122 -34.76 1.01 6.19
CA THR B 122 -34.19 2.35 6.40
C THR B 122 -33.00 2.52 5.48
N TYR B 123 -32.04 1.58 5.60
CA TYR B 123 -30.78 1.51 4.86
C TYR B 123 -31.00 1.53 3.33
N GLU B 124 -31.83 0.60 2.79
CA GLU B 124 -32.08 0.47 1.36
C GLU B 124 -32.79 1.72 0.81
N ASN B 125 -33.77 2.28 1.54
CA ASN B 125 -34.46 3.48 1.09
C ASN B 125 -33.54 4.71 1.09
N ASP B 126 -32.76 4.89 2.17
CA ASP B 126 -31.82 6.01 2.32
C ASP B 126 -30.73 5.98 1.25
N LEU B 127 -30.18 4.78 0.95
CA LEU B 127 -29.11 4.61 -0.04
C LEU B 127 -29.64 4.90 -1.46
N ARG B 128 -30.84 4.39 -1.80
CA ARG B 128 -31.48 4.63 -3.10
C ARG B 128 -31.68 6.13 -3.28
N ALA B 129 -32.17 6.81 -2.22
CA ALA B 129 -32.39 8.25 -2.20
C ALA B 129 -31.06 8.99 -2.40
N LEU B 130 -29.97 8.52 -1.76
CA LEU B 130 -28.67 9.18 -1.88
C LEU B 130 -28.10 8.98 -3.27
N LEU B 131 -28.28 7.78 -3.85
CA LEU B 131 -27.79 7.47 -5.18
C LEU B 131 -28.60 8.22 -6.26
N LYS B 132 -29.94 8.38 -6.04
CA LYS B 132 -30.81 9.12 -6.97
C LYS B 132 -30.34 10.59 -7.04
N TYR B 133 -30.11 11.18 -5.86
CA TYR B 133 -29.63 12.55 -5.66
C TYR B 133 -28.24 12.74 -6.27
N THR B 134 -27.33 11.77 -6.05
CA THR B 134 -25.96 11.85 -6.57
C THR B 134 -25.98 11.96 -8.10
N LYS B 135 -26.68 11.02 -8.78
CA LYS B 135 -26.79 11.01 -10.23
C LYS B 135 -27.55 12.24 -10.74
N GLU B 136 -28.48 12.78 -9.93
CA GLU B 136 -29.25 13.99 -10.23
C GLU B 136 -28.30 15.21 -10.28
N LYS B 137 -27.47 15.40 -9.25
CA LYS B 137 -26.57 16.55 -9.12
C LYS B 137 -25.22 16.36 -9.88
N LEU B 138 -24.75 15.10 -10.00
CA LEU B 138 -23.53 14.78 -10.73
C LEU B 138 -23.89 13.73 -11.80
N PRO B 139 -24.55 14.13 -12.91
CA PRO B 139 -25.00 13.12 -13.91
C PRO B 139 -23.91 12.34 -14.68
N ASN B 140 -22.63 12.78 -14.62
CA ASN B 140 -21.51 12.10 -15.29
C ASN B 140 -20.70 11.23 -14.37
N THR B 141 -21.00 11.23 -13.09
CA THR B 141 -20.23 10.46 -12.11
C THR B 141 -20.49 8.96 -12.26
N GLN B 142 -19.39 8.22 -12.31
CA GLN B 142 -19.35 6.77 -12.33
C GLN B 142 -19.26 6.30 -10.87
N ILE B 143 -20.28 5.58 -10.40
CA ILE B 143 -20.33 5.10 -9.02
C ILE B 143 -19.81 3.65 -8.90
N VAL B 144 -19.02 3.43 -7.85
CA VAL B 144 -18.44 2.16 -7.39
C VAL B 144 -19.06 1.95 -6.04
N LEU B 145 -20.06 1.06 -5.97
CA LEU B 145 -20.74 0.72 -4.73
C LEU B 145 -20.12 -0.57 -4.19
N CYS B 146 -19.63 -0.53 -2.95
CA CYS B 146 -18.95 -1.64 -2.28
C CYS B 146 -19.87 -2.43 -1.36
N GLU B 147 -19.65 -3.75 -1.28
CA GLU B 147 -20.44 -4.66 -0.44
C GLU B 147 -20.03 -4.52 1.03
N PRO B 148 -20.98 -4.13 1.94
CA PRO B 148 -20.66 -4.13 3.39
C PRO B 148 -20.37 -5.57 3.84
N PHE B 149 -19.44 -5.77 4.79
CA PHE B 149 -18.98 -7.13 5.15
C PHE B 149 -18.64 -7.34 6.63
N THR B 150 -18.53 -8.62 7.04
CA THR B 150 -18.11 -9.08 8.37
C THR B 150 -17.22 -10.30 8.23
N LEU B 151 -16.52 -10.64 9.32
CA LEU B 151 -15.69 -11.83 9.47
C LEU B 151 -16.18 -12.43 10.77
N ARG B 152 -17.01 -13.51 10.68
CA ARG B 152 -17.69 -14.23 11.79
C ARG B 152 -16.81 -14.40 13.04
N ASP B 153 -15.51 -14.71 12.83
CA ASP B 153 -14.59 -14.96 13.92
C ASP B 153 -13.82 -13.69 14.33
N GLY B 154 -14.40 -12.54 14.06
CA GLY B 154 -13.88 -11.27 14.53
C GLY B 154 -14.37 -11.06 15.95
N ALA B 155 -13.59 -10.33 16.76
CA ALA B 155 -13.86 -10.10 18.17
C ALA B 155 -15.24 -9.41 18.44
N ALA B 156 -15.64 -8.40 17.63
CA ALA B 156 -16.88 -7.63 17.79
C ALA B 156 -18.19 -8.35 17.36
N ILE B 157 -18.06 -9.49 16.66
CA ILE B 157 -19.22 -10.19 16.12
C ILE B 157 -19.70 -11.34 17.02
N GLU B 158 -21.00 -11.33 17.31
CA GLU B 158 -21.78 -12.36 18.02
C GLU B 158 -22.73 -12.93 16.98
N ASP B 159 -22.45 -14.14 16.49
CA ASP B 159 -23.15 -14.81 15.39
C ASP B 159 -24.70 -14.75 15.56
N SER B 160 -25.22 -14.99 16.75
CA SER B 160 -26.66 -14.92 17.03
C SER B 160 -27.25 -13.50 16.84
N LYS B 161 -26.43 -12.46 17.12
CA LYS B 161 -26.83 -11.06 17.05
C LYS B 161 -26.56 -10.44 15.68
N TRP B 162 -26.01 -11.20 14.69
CA TRP B 162 -25.68 -10.65 13.37
C TRP B 162 -26.32 -11.36 12.19
N TYR B 163 -26.29 -12.71 12.20
CA TYR B 163 -26.73 -13.52 11.07
C TYR B 163 -28.04 -14.25 11.33
N PRO B 164 -28.96 -14.31 10.34
CA PRO B 164 -28.86 -13.83 8.94
C PRO B 164 -29.31 -12.36 8.68
N MSE B 165 -29.66 -11.60 9.73
CA MSE B 165 -30.13 -10.21 9.65
C MSE B 165 -29.23 -9.32 8.80
O MSE B 165 -29.77 -8.53 8.00
CB MSE B 165 -30.28 -9.56 11.04
CG MSE B 165 -31.41 -10.14 11.91
SE MSE B 165 -30.97 -11.88 12.72
CE MSE B 165 -29.51 -11.42 13.86
N PHE B 166 -27.89 -9.43 8.96
CA PHE B 166 -26.96 -8.56 8.22
C PHE B 166 -26.86 -8.91 6.74
N ASP B 167 -27.07 -10.19 6.38
CA ASP B 167 -27.03 -10.63 4.98
C ASP B 167 -27.97 -9.78 4.09
N GLU B 168 -29.10 -9.35 4.65
CA GLU B 168 -30.12 -8.54 3.99
C GLU B 168 -29.56 -7.18 3.57
N PHE B 169 -28.57 -6.67 4.33
CA PHE B 169 -27.86 -5.41 4.06
C PHE B 169 -26.96 -5.58 2.83
N ARG B 170 -26.32 -6.75 2.71
CA ARG B 170 -25.48 -7.07 1.56
C ARG B 170 -26.36 -7.25 0.29
N LYS B 171 -27.56 -7.85 0.46
CA LYS B 171 -28.55 -8.06 -0.62
C LYS B 171 -28.99 -6.71 -1.20
N SER B 172 -29.20 -5.71 -0.30
CA SER B 172 -29.66 -4.37 -0.64
C SER B 172 -28.59 -3.63 -1.40
N ALA B 173 -27.35 -3.66 -0.90
CA ALA B 173 -26.23 -3.01 -1.58
C ALA B 173 -26.12 -3.51 -3.01
N ARG B 174 -26.24 -4.85 -3.22
CA ARG B 174 -26.19 -5.46 -4.55
C ARG B 174 -27.37 -5.04 -5.42
N LYS B 175 -28.61 -5.10 -4.87
CA LYS B 175 -29.86 -4.75 -5.55
C LYS B 175 -29.79 -3.32 -6.11
N LEU B 176 -29.22 -2.41 -5.30
CA LEU B 176 -29.06 -0.99 -5.61
C LEU B 176 -28.01 -0.80 -6.68
N SER B 177 -26.90 -1.56 -6.64
CA SER B 177 -25.85 -1.49 -7.68
C SER B 177 -26.43 -1.87 -9.05
N GLU B 178 -27.41 -2.80 -9.06
CA GLU B 178 -28.11 -3.24 -10.28
C GLU B 178 -29.06 -2.11 -10.76
N GLU B 179 -29.88 -1.56 -9.83
CA GLU B 179 -30.84 -0.48 -10.08
C GLU B 179 -30.19 0.75 -10.71
N PHE B 180 -29.02 1.15 -10.19
CA PHE B 180 -28.29 2.33 -10.63
C PHE B 180 -27.18 1.98 -11.59
N ASN B 181 -27.15 0.69 -12.01
CA ASN B 181 -26.18 0.11 -12.93
C ASN B 181 -24.73 0.60 -12.65
N THR B 182 -24.31 0.44 -11.39
CA THR B 182 -23.00 0.85 -10.90
C THR B 182 -22.06 -0.36 -10.89
N ILE B 183 -20.79 -0.15 -10.52
CA ILE B 183 -19.84 -1.24 -10.32
C ILE B 183 -20.16 -1.74 -8.91
N PHE B 184 -19.95 -3.03 -8.67
CA PHE B 184 -20.18 -3.61 -7.36
C PHE B 184 -18.94 -4.42 -6.90
N VAL B 185 -18.34 -4.01 -5.76
CA VAL B 185 -17.16 -4.72 -5.23
C VAL B 185 -17.68 -5.74 -4.19
N PRO B 186 -17.61 -7.07 -4.46
CA PRO B 186 -18.18 -8.05 -3.52
C PRO B 186 -17.20 -8.50 -2.44
N PHE B 187 -16.90 -7.57 -1.51
CA PHE B 187 -15.94 -7.77 -0.43
C PHE B 187 -16.19 -9.03 0.40
N GLN B 188 -17.46 -9.37 0.69
CA GLN B 188 -17.79 -10.55 1.48
C GLN B 188 -17.22 -11.84 0.85
N SER B 189 -17.42 -12.05 -0.46
CA SER B 189 -16.93 -13.22 -1.20
C SER B 189 -15.43 -13.37 -1.05
N GLY B 190 -14.72 -12.23 -1.13
CA GLY B 190 -13.28 -12.18 -0.99
C GLY B 190 -12.84 -12.58 0.40
N PHE B 191 -13.52 -12.05 1.43
CA PHE B 191 -13.19 -12.35 2.82
C PHE B 191 -13.61 -13.78 3.18
N ASP B 192 -14.72 -14.26 2.59
CA ASP B 192 -15.20 -15.62 2.78
C ASP B 192 -14.13 -16.62 2.30
N ALA B 193 -13.38 -16.23 1.26
CA ALA B 193 -12.29 -17.00 0.65
C ALA B 193 -10.98 -16.89 1.46
N ALA B 194 -10.63 -15.64 1.85
CA ALA B 194 -9.42 -15.28 2.56
C ALA B 194 -9.30 -16.04 3.91
N VAL B 195 -10.41 -16.13 4.68
CA VAL B 195 -10.45 -16.85 5.97
C VAL B 195 -10.20 -18.36 5.81
N LYS B 196 -10.27 -18.91 4.59
CA LYS B 196 -9.97 -20.32 4.38
C LYS B 196 -8.44 -20.51 4.28
N LEU B 197 -7.66 -19.41 4.07
CA LEU B 197 -6.20 -19.38 3.96
C LEU B 197 -5.48 -19.04 5.25
N ALA B 198 -6.07 -18.09 6.05
CA ALA B 198 -5.57 -17.61 7.34
C ALA B 198 -6.76 -17.17 8.24
N PRO B 199 -6.67 -17.28 9.58
CA PRO B 199 -7.82 -16.90 10.44
C PRO B 199 -8.27 -15.45 10.28
N ALA B 200 -9.56 -15.22 10.53
CA ALA B 200 -10.23 -13.92 10.41
C ALA B 200 -9.45 -12.80 11.09
N ARG B 201 -8.88 -13.04 12.32
CA ARG B 201 -8.14 -12.01 13.09
C ARG B 201 -6.90 -11.49 12.36
N TYR B 202 -6.36 -12.28 11.42
CA TYR B 202 -5.20 -11.92 10.62
C TYR B 202 -5.62 -10.80 9.65
N TRP B 203 -6.82 -10.93 9.07
CA TRP B 203 -7.38 -10.00 8.10
C TRP B 203 -7.99 -8.78 8.77
N SER B 204 -8.70 -9.01 9.91
CA SER B 204 -9.41 -7.98 10.70
C SER B 204 -9.58 -8.48 12.11
N ASN B 205 -9.10 -7.73 13.09
CA ASN B 205 -9.17 -8.18 14.48
C ASN B 205 -10.60 -8.22 15.04
N ASP B 206 -11.42 -7.18 14.80
CA ASP B 206 -12.78 -7.16 15.35
C ASP B 206 -13.83 -7.79 14.40
N GLY B 207 -13.47 -7.98 13.12
CA GLY B 207 -14.35 -8.55 12.11
C GLY B 207 -15.12 -7.50 11.35
N VAL B 208 -14.90 -6.21 11.67
CA VAL B 208 -15.55 -5.06 11.07
C VAL B 208 -14.53 -4.25 10.28
N HIS B 209 -13.48 -3.80 10.98
CA HIS B 209 -12.39 -2.96 10.47
C HIS B 209 -11.23 -3.83 10.03
N PRO B 210 -10.83 -3.74 8.75
CA PRO B 210 -9.72 -4.57 8.27
C PRO B 210 -8.34 -4.06 8.67
N ASP B 211 -7.43 -5.00 8.91
CA ASP B 211 -6.02 -4.72 9.23
C ASP B 211 -5.25 -4.78 7.90
N LEU B 212 -3.91 -4.53 7.92
CA LEU B 212 -3.08 -4.47 6.70
C LEU B 212 -3.34 -5.59 5.66
N PRO B 213 -3.43 -6.92 6.00
CA PRO B 213 -3.71 -7.92 4.96
C PRO B 213 -5.11 -7.78 4.33
N GLY B 214 -6.07 -7.32 5.12
CA GLY B 214 -7.44 -7.12 4.65
C GLY B 214 -7.60 -5.90 3.77
N ARG B 215 -6.81 -4.83 4.02
CA ARG B 215 -6.87 -3.58 3.26
C ARG B 215 -6.34 -3.82 1.84
N GLN B 216 -5.18 -4.53 1.75
CA GLN B 216 -4.57 -4.90 0.48
C GLN B 216 -5.55 -5.75 -0.34
N LEU B 217 -6.23 -6.72 0.32
CA LEU B 217 -7.23 -7.62 -0.31
C LEU B 217 -8.36 -6.85 -0.96
N MSE B 218 -8.94 -5.89 -0.18
CA MSE B 218 -10.02 -4.98 -0.61
C MSE B 218 -9.58 -4.12 -1.77
O MSE B 218 -10.31 -4.01 -2.75
CB MSE B 218 -10.46 -4.11 0.56
CG MSE B 218 -11.21 -4.88 1.61
SE MSE B 218 -11.50 -3.77 3.17
CE MSE B 218 -12.75 -2.63 2.50
N ALA B 219 -8.34 -3.56 -1.72
CA ALA B 219 -7.77 -2.73 -2.79
C ALA B 219 -7.72 -3.51 -4.11
N ASN B 220 -7.24 -4.76 -4.05
CA ASN B 220 -7.13 -5.66 -5.21
C ASN B 220 -8.50 -5.97 -5.81
N MSE B 221 -9.51 -6.20 -4.94
CA MSE B 221 -10.89 -6.49 -5.33
C MSE B 221 -11.48 -5.33 -6.09
O MSE B 221 -12.08 -5.51 -7.15
CB MSE B 221 -11.73 -6.82 -4.11
CG MSE B 221 -11.39 -8.14 -3.45
SE MSE B 221 -12.88 -8.85 -2.44
CE MSE B 221 -13.98 -9.30 -3.91
N TRP B 222 -11.28 -4.12 -5.53
CA TRP B 222 -11.74 -2.84 -6.07
C TRP B 222 -11.11 -2.61 -7.43
N MSE B 223 -9.79 -2.82 -7.57
CA MSE B 223 -9.15 -2.63 -8.88
C MSE B 223 -9.73 -3.61 -9.91
O MSE B 223 -9.99 -3.23 -11.04
CB MSE B 223 -7.63 -2.77 -8.76
CG MSE B 223 -6.99 -1.66 -7.94
SE MSE B 223 -7.25 0.10 -8.73
CE MSE B 223 -5.92 0.01 -10.05
N GLU B 224 -9.99 -4.85 -9.48
CA GLU B 224 -10.54 -5.91 -10.30
C GLU B 224 -12.00 -5.63 -10.69
N ALA B 225 -12.89 -5.34 -9.72
CA ALA B 225 -14.30 -5.10 -9.98
C ALA B 225 -14.53 -3.94 -10.96
N THR B 226 -13.73 -2.86 -10.82
CA THR B 226 -13.81 -1.65 -11.64
C THR B 226 -13.20 -1.85 -13.03
N GLY B 227 -12.38 -2.88 -13.17
CA GLY B 227 -11.68 -3.22 -14.40
C GLY B 227 -10.49 -2.32 -14.66
N LEU B 228 -9.91 -1.73 -13.61
CA LEU B 228 -8.80 -0.80 -13.73
C LEU B 228 -7.44 -1.49 -13.54
N LYS B 229 -7.38 -2.80 -13.92
CA LYS B 229 -6.27 -3.77 -13.95
C LYS B 229 -6.22 -4.56 -12.65
#